data_7VVE
#
_entry.id   7VVE
#
_cell.length_a   42.277
_cell.length_b   85.090
_cell.length_c   147.746
_cell.angle_alpha   90.000
_cell.angle_beta   90.000
_cell.angle_gamma   90.000
#
_symmetry.space_group_name_H-M   'P 21 21 21'
#
loop_
_entity.id
_entity.type
_entity.pdbx_description
1 polymer 'Leaf-branch compost cutinase'
2 non-polymer 'CALCIUM ION'
3 non-polymer '4-(2-hydroxyethyloxycarbonyl)benzoic acid'
4 non-polymer DI(HYDROXYETHYL)ETHER
5 non-polymer 2-(2-METHOXYETHOXY)ETHANOL
6 water water
#
_entity_poly.entity_id   1
_entity_poly.type   'polypeptide(L)'
_entity_poly.pdbx_seq_one_letter_code
;GMSNPYQRGPNPTRSALTADGPFSVATYTVSRLSVSGFGGGVIYYPTGTSLTFGGIAMSPGYTADASSLAWLGRRLASHG
FVVLVINTNSRFDGPDSRASQLSAALNYLRTSSPSAVRARLDANRLAVAGHAMGGGGTLRIAEQNPSLKAAVPLTPWHTD
KTFNTSVPVLIVGAEADTVAPVSQHAIPFYQNLPSTTPKVYVELCNASHIAPNSNNAAISVYTISWMKLWVDNDTRYRQF
LCNVNDPALCDFRTNNRHCQ
;
_entity_poly.pdbx_strand_id   A,B
#
# COMPACT_ATOMS: atom_id res chain seq x y z
N SER A 3 -20.47 24.63 -4.07
CA SER A 3 -20.80 23.26 -4.64
C SER A 3 -19.60 22.31 -4.51
N ASN A 4 -18.44 22.66 -5.06
CA ASN A 4 -17.19 21.88 -4.82
C ASN A 4 -16.44 22.56 -3.69
N PRO A 5 -16.44 21.98 -2.47
CA PRO A 5 -15.83 22.64 -1.32
C PRO A 5 -14.31 22.83 -1.48
N TYR A 6 -13.69 22.11 -2.41
CA TYR A 6 -12.21 22.10 -2.60
C TYR A 6 -11.81 23.02 -3.73
N GLN A 7 -12.78 23.64 -4.42
CA GLN A 7 -12.49 24.54 -5.55
C GLN A 7 -11.81 25.79 -4.99
N ARG A 8 -10.69 26.17 -5.59
CA ARG A 8 -9.92 27.37 -5.20
C ARG A 8 -9.57 28.17 -6.45
N GLY A 9 -9.55 29.50 -6.30
CA GLY A 9 -8.98 30.41 -7.28
C GLY A 9 -9.97 30.73 -8.41
N PRO A 10 -9.69 31.82 -9.16
CA PRO A 10 -10.56 32.21 -10.26
C PRO A 10 -10.50 31.21 -11.42
N ASN A 11 -11.47 31.29 -12.32
CA ASN A 11 -11.55 30.43 -13.53
C ASN A 11 -10.20 30.52 -14.21
N PRO A 12 -9.56 29.36 -14.53
CA PRO A 12 -8.23 29.38 -15.09
C PRO A 12 -8.19 29.78 -16.56
N THR A 13 -7.07 30.35 -16.95
CA THR A 13 -6.67 30.65 -18.35
C THR A 13 -5.27 30.03 -18.51
N ARG A 14 -4.89 29.64 -19.72
CA ARG A 14 -3.56 29.05 -20.01
C ARG A 14 -2.51 30.04 -19.48
N SER A 15 -2.70 31.34 -19.73
CA SER A 15 -1.73 32.40 -19.36
C SER A 15 -1.52 32.42 -17.85
N ALA A 16 -2.59 32.36 -17.06
CA ALA A 16 -2.50 32.36 -15.58
C ALA A 16 -1.70 31.14 -15.09
N LEU A 17 -1.76 29.99 -15.81
CA LEU A 17 -1.15 28.72 -15.32
C LEU A 17 0.32 28.69 -15.71
N THR A 18 0.83 29.72 -16.42
CA THR A 18 2.28 29.78 -16.78
C THR A 18 3.00 30.78 -15.87
N ALA A 19 2.35 31.28 -14.85
CA ALA A 19 2.98 32.16 -13.86
C ALA A 19 2.46 31.80 -12.48
N ASP A 20 3.07 32.36 -11.44
CA ASP A 20 2.61 32.15 -10.05
C ASP A 20 1.17 32.67 -9.95
N GLY A 21 0.38 31.96 -9.16
CA GLY A 21 -1.09 32.02 -9.17
C GLY A 21 -1.61 33.05 -8.18
N PRO A 22 -2.88 32.92 -7.78
CA PRO A 22 -3.53 33.95 -6.97
C PRO A 22 -3.23 33.98 -5.46
N PHE A 23 -2.52 32.98 -4.93
CA PHE A 23 -2.18 32.90 -3.50
C PHE A 23 -0.74 33.34 -3.25
N SER A 24 -0.57 34.11 -2.18
CA SER A 24 0.74 34.42 -1.55
C SER A 24 1.33 33.12 -0.99
N VAL A 25 2.66 33.01 -1.03
CA VAL A 25 3.33 31.75 -0.63
C VAL A 25 4.27 32.07 0.53
N ALA A 26 4.17 31.29 1.58
CA ALA A 26 5.16 31.19 2.68
C ALA A 26 6.01 29.93 2.48
N THR A 27 7.23 29.93 3.01
CA THR A 27 8.10 28.72 3.01
C THR A 27 8.47 28.34 4.43
N TYR A 28 8.61 27.05 4.66
CA TYR A 28 9.12 26.50 5.93
C TYR A 28 10.22 25.49 5.59
N THR A 29 11.42 25.70 6.12
CA THR A 29 12.58 24.82 5.91
C THR A 29 12.47 23.70 6.93
N VAL A 30 12.37 22.46 6.44
CA VAL A 30 12.35 21.23 7.28
C VAL A 30 13.79 20.76 7.36
N SER A 31 14.43 20.83 8.53
CA SER A 31 15.86 20.52 8.64
C SER A 31 16.03 19.00 8.50
N ARG A 32 17.13 18.54 7.91
CA ARG A 32 17.48 17.10 7.82
C ARG A 32 17.40 16.43 9.20
N LEU A 33 17.90 17.09 10.25
CA LEU A 33 17.94 16.51 11.62
C LEU A 33 16.55 16.39 12.21
N SER A 34 15.58 17.24 11.84
CA SER A 34 14.25 17.26 12.50
C SER A 34 13.42 16.03 12.12
N VAL A 35 13.79 15.29 11.07
CA VAL A 35 12.92 14.23 10.50
C VAL A 35 13.72 12.94 10.27
N SER A 36 13.01 11.82 10.34
CA SER A 36 13.50 10.48 9.94
C SER A 36 12.74 10.04 8.69
N GLY A 37 13.42 9.28 7.86
CA GLY A 37 12.85 8.70 6.64
C GLY A 37 13.11 9.52 5.41
N PHE A 38 13.53 10.79 5.53
CA PHE A 38 13.92 11.65 4.38
C PHE A 38 14.85 12.78 4.85
N GLY A 39 15.37 13.56 3.91
CA GLY A 39 16.47 14.53 4.16
C GLY A 39 15.96 15.91 4.50
N GLY A 40 14.71 16.02 4.96
CA GLY A 40 14.06 17.33 5.13
C GLY A 40 13.71 17.90 3.79
N GLY A 41 13.67 19.22 3.67
CA GLY A 41 13.29 19.91 2.43
C GLY A 41 12.64 21.25 2.72
N VAL A 42 11.81 21.70 1.78
CA VAL A 42 11.13 23.00 1.90
C VAL A 42 9.63 22.80 1.65
N ILE A 43 8.81 23.35 2.56
CA ILE A 43 7.34 23.40 2.38
C ILE A 43 6.96 24.77 1.81
N TYR A 44 6.30 24.77 0.64
CA TYR A 44 5.66 25.97 0.04
C TYR A 44 4.18 25.88 0.36
N TYR A 45 3.64 26.89 1.00
CA TYR A 45 2.20 26.84 1.38
C TYR A 45 1.56 28.22 1.25
N PRO A 46 0.24 28.25 0.98
CA PRO A 46 -0.49 29.51 0.84
C PRO A 46 -0.52 30.26 2.18
N THR A 47 -0.43 31.58 2.07
CA THR A 47 -0.50 32.53 3.20
C THR A 47 -1.49 33.66 2.86
N GLY A 48 -1.81 34.49 3.85
CA GLY A 48 -2.88 35.50 3.72
C GLY A 48 -4.22 34.85 3.42
N THR A 49 -4.47 33.62 3.90
CA THR A 49 -5.73 32.90 3.65
C THR A 49 -6.07 32.07 4.88
N SER A 50 -7.36 31.88 5.12
CA SER A 50 -7.86 30.94 6.14
C SER A 50 -8.17 29.56 5.52
N LEU A 51 -8.02 29.38 4.21
CA LEU A 51 -8.52 28.16 3.54
C LEU A 51 -7.55 27.00 3.79
N THR A 52 -7.99 25.80 3.43
CA THR A 52 -7.18 24.58 3.35
C THR A 52 -7.08 24.13 1.90
N PHE A 53 -6.03 23.37 1.66
CA PHE A 53 -5.59 22.98 0.33
C PHE A 53 -5.04 21.55 0.42
N GLY A 54 -5.11 20.83 -0.68
CA GLY A 54 -4.41 19.55 -0.85
C GLY A 54 -2.90 19.69 -0.73
N GLY A 55 -2.23 18.58 -0.47
CA GLY A 55 -0.79 18.51 -0.24
C GLY A 55 -0.15 17.69 -1.33
N ILE A 56 1.06 18.10 -1.68
CA ILE A 56 1.91 17.42 -2.68
C ILE A 56 3.28 17.20 -2.05
N ALA A 57 3.80 15.98 -2.10
CA ALA A 57 5.22 15.70 -1.82
C ALA A 57 5.91 15.52 -3.16
N MET A 58 7.06 16.17 -3.31
CA MET A 58 7.80 16.16 -4.57
C MET A 58 9.26 15.80 -4.32
N SER A 59 9.81 14.91 -5.12
CA SER A 59 11.22 14.44 -5.02
C SER A 59 12.03 14.96 -6.20
N PRO A 60 13.26 15.44 -5.96
CA PRO A 60 14.19 15.74 -7.02
C PRO A 60 14.83 14.41 -7.47
N GLY A 61 15.73 14.51 -8.44
CA GLY A 61 16.41 13.36 -9.07
C GLY A 61 17.82 13.13 -8.55
N TYR A 62 18.45 12.15 -9.15
CA TYR A 62 19.80 11.67 -8.84
C TYR A 62 20.77 12.86 -8.84
N THR A 63 21.55 13.00 -7.78
CA THR A 63 22.58 14.04 -7.53
C THR A 63 21.97 15.37 -7.11
N ALA A 64 20.66 15.56 -7.23
CA ALA A 64 20.06 16.91 -7.16
C ALA A 64 19.53 17.15 -5.77
N ASP A 65 19.26 18.42 -5.45
CA ASP A 65 18.56 18.72 -4.18
C ASP A 65 17.24 19.43 -4.45
N ALA A 66 16.58 19.80 -3.37
CA ALA A 66 15.22 20.40 -3.38
C ALA A 66 15.24 21.71 -4.18
N SER A 67 16.36 22.44 -4.25
CA SER A 67 16.42 23.72 -5.00
C SER A 67 16.12 23.47 -6.47
N SER A 68 16.39 22.26 -7.01
CA SER A 68 16.16 21.92 -8.44
C SER A 68 14.66 21.94 -8.80
N LEU A 69 13.75 21.90 -7.83
CA LEU A 69 12.29 22.01 -8.09
C LEU A 69 11.67 23.15 -7.27
N ALA A 70 12.47 24.10 -6.76
CA ALA A 70 11.94 25.22 -5.95
C ALA A 70 10.93 26.01 -6.78
N TRP A 71 11.22 26.29 -8.06
CA TRP A 71 10.31 27.09 -8.92
C TRP A 71 8.95 26.39 -8.97
N LEU A 72 8.95 25.07 -9.07
CA LEU A 72 7.68 24.33 -9.25
C LEU A 72 6.97 24.19 -7.91
N GLY A 73 7.67 24.02 -6.80
CA GLY A 73 7.03 24.00 -5.48
C GLY A 73 6.32 25.31 -5.21
N ARG A 74 6.98 26.41 -5.46
CA ARG A 74 6.40 27.77 -5.33
C ARG A 74 5.24 27.97 -6.30
N ARG A 75 5.41 27.55 -7.54
CA ARG A 75 4.36 27.70 -8.58
C ARG A 75 3.10 26.99 -8.09
N LEU A 76 3.22 25.69 -7.76
CA LEU A 76 2.05 24.91 -7.29
C LEU A 76 1.45 25.58 -6.06
N ALA A 77 2.26 25.87 -5.06
CA ALA A 77 1.75 26.49 -3.81
C ALA A 77 0.94 27.74 -4.16
N SER A 78 1.43 28.56 -5.07
CA SER A 78 0.82 29.86 -5.45
C SER A 78 -0.54 29.62 -6.10
N HIS A 79 -0.79 28.42 -6.64
CA HIS A 79 -2.08 28.05 -7.26
C HIS A 79 -3.01 27.36 -6.26
N GLY A 80 -2.59 27.24 -5.00
CA GLY A 80 -3.42 26.68 -3.90
C GLY A 80 -3.08 25.23 -3.59
N PHE A 81 -1.85 24.98 -3.15
CA PHE A 81 -1.42 23.65 -2.68
C PHE A 81 -0.41 23.83 -1.55
N VAL A 82 -0.33 22.84 -0.69
CA VAL A 82 0.79 22.72 0.28
C VAL A 82 1.80 21.77 -0.37
N VAL A 83 3.02 22.23 -0.61
CA VAL A 83 4.01 21.45 -1.36
C VAL A 83 5.28 21.27 -0.53
N LEU A 84 5.60 20.01 -0.22
CA LEU A 84 6.90 19.63 0.40
C LEU A 84 7.81 19.08 -0.68
N VAL A 85 8.84 19.85 -1.03
CA VAL A 85 9.94 19.40 -1.93
C VAL A 85 11.02 18.85 -1.02
N ILE A 86 11.29 17.55 -1.12
CA ILE A 86 12.23 16.90 -0.17
C ILE A 86 13.68 17.04 -0.66
N ASN A 87 14.61 17.03 0.29
CA ASN A 87 16.00 16.55 0.09
C ASN A 87 16.02 15.09 0.48
N THR A 88 16.85 14.30 -0.19
CA THR A 88 16.98 12.86 0.08
C THR A 88 18.10 12.62 1.09
N ASN A 89 18.05 11.45 1.72
CA ASN A 89 19.07 11.06 2.72
C ASN A 89 20.44 11.18 2.05
N SER A 90 20.57 10.69 0.83
CA SER A 90 21.79 10.83 0.02
C SER A 90 21.40 11.34 -1.36
N ARG A 91 22.27 12.19 -1.92
CA ARG A 91 22.11 12.65 -3.32
C ARG A 91 22.03 11.44 -4.26
N PHE A 92 22.64 10.31 -3.89
CA PHE A 92 22.80 9.15 -4.80
C PHE A 92 21.73 8.08 -4.56
N ASP A 93 20.71 8.37 -3.77
CA ASP A 93 19.56 7.43 -3.54
C ASP A 93 18.88 7.13 -4.89
N GLY A 94 18.43 5.88 -5.08
CA GLY A 94 17.76 5.43 -6.30
C GLY A 94 16.26 5.74 -6.26
N PRO A 95 15.51 5.33 -7.30
CA PRO A 95 14.10 5.66 -7.37
C PRO A 95 13.23 5.02 -6.28
N ASP A 96 13.46 3.77 -5.92
CA ASP A 96 12.66 3.11 -4.86
C ASP A 96 12.98 3.77 -3.53
N SER A 97 14.23 4.15 -3.28
CA SER A 97 14.59 4.92 -2.05
C SER A 97 13.81 6.23 -2.01
N ARG A 98 13.71 6.89 -3.15
CA ARG A 98 12.97 8.17 -3.29
C ARG A 98 11.47 7.95 -2.96
N ALA A 99 10.90 6.85 -3.40
CA ALA A 99 9.49 6.49 -3.06
C ALA A 99 9.35 6.41 -1.53
N SER A 100 10.27 5.71 -0.87
CA SER A 100 10.29 5.57 0.60
C SER A 100 10.32 6.94 1.26
N GLN A 101 11.12 7.84 0.69
CA GLN A 101 11.31 9.20 1.24
C GLN A 101 10.07 10.05 0.97
N LEU A 102 9.38 9.84 -0.16
CA LEU A 102 8.09 10.52 -0.43
C LEU A 102 7.07 10.01 0.60
N SER A 103 7.08 8.71 0.87
CA SER A 103 6.14 8.10 1.86
C SER A 103 6.37 8.77 3.22
N ALA A 104 7.62 8.92 3.62
CA ALA A 104 7.96 9.54 4.93
C ALA A 104 7.53 11.02 4.93
N ALA A 105 7.72 11.71 3.81
CA ALA A 105 7.39 13.14 3.64
C ALA A 105 5.87 13.34 3.79
N LEU A 106 5.07 12.47 3.16
CA LEU A 106 3.60 12.52 3.25
C LEU A 106 3.16 12.31 4.67
N ASN A 107 3.72 11.29 5.33
CA ASN A 107 3.40 10.98 6.73
C ASN A 107 3.75 12.21 7.59
N TYR A 108 4.92 12.79 7.35
CA TYR A 108 5.37 14.00 8.08
C TYR A 108 4.36 15.14 7.86
N LEU A 109 4.00 15.40 6.60
CA LEU A 109 3.09 16.52 6.25
C LEU A 109 1.79 16.41 7.04
N ARG A 110 1.23 15.20 7.04
CA ARG A 110 -0.04 14.80 7.70
C ARG A 110 0.06 14.90 9.22
N THR A 111 1.16 14.49 9.83
CA THR A 111 1.16 14.15 11.28
C THR A 111 2.04 15.09 12.11
N SER A 112 3.12 15.66 11.54
CA SER A 112 4.22 16.27 12.31
C SER A 112 4.65 17.62 11.75
N SER A 113 4.03 18.11 10.67
CA SER A 113 4.43 19.40 10.04
C SER A 113 4.03 20.51 11.02
N PRO A 114 4.62 21.71 10.90
CA PRO A 114 4.24 22.81 11.79
C PRO A 114 2.75 23.13 11.75
N SER A 115 2.24 23.62 12.87
CA SER A 115 0.86 24.13 12.98
C SER A 115 0.55 25.06 11.80
N ALA A 116 1.50 25.88 11.37
CA ALA A 116 1.29 26.90 10.30
C ALA A 116 0.96 26.18 8.99
N VAL A 117 1.60 25.03 8.76
CA VAL A 117 1.37 24.23 7.54
C VAL A 117 0.07 23.43 7.65
N ARG A 118 -0.13 22.75 8.77
CA ARG A 118 -1.34 21.90 8.95
C ARG A 118 -2.61 22.74 8.86
N ALA A 119 -2.57 23.97 9.35
CA ALA A 119 -3.75 24.86 9.30
C ALA A 119 -4.17 25.08 7.85
N ARG A 120 -3.24 25.04 6.90
CA ARG A 120 -3.52 25.28 5.46
C ARG A 120 -3.70 23.96 4.70
N LEU A 121 -3.61 22.83 5.39
CA LEU A 121 -3.52 21.50 4.75
C LEU A 121 -4.78 20.69 5.03
N ASP A 122 -5.39 20.16 3.97
CA ASP A 122 -6.41 19.09 4.08
C ASP A 122 -5.66 17.77 3.86
N ALA A 123 -5.34 17.07 4.93
CA ALA A 123 -4.49 15.87 4.90
C ALA A 123 -5.22 14.68 4.25
N ASN A 124 -6.53 14.79 3.96
CA ASN A 124 -7.31 13.77 3.18
C ASN A 124 -7.01 13.84 1.67
N ARG A 125 -6.31 14.86 1.20
CA ARG A 125 -6.17 15.13 -0.24
C ARG A 125 -4.68 15.34 -0.54
N LEU A 126 -3.98 14.23 -0.85
CA LEU A 126 -2.52 14.23 -1.07
C LEU A 126 -2.17 13.67 -2.44
N ALA A 127 -1.08 14.14 -2.99
CA ALA A 127 -0.56 13.71 -4.30
C ALA A 127 0.97 13.74 -4.26
N VAL A 128 1.61 13.21 -5.30
CA VAL A 128 3.09 13.11 -5.43
C VAL A 128 3.49 13.54 -6.84
N ALA A 129 4.70 14.03 -6.93
CA ALA A 129 5.34 14.44 -8.18
C ALA A 129 6.84 14.27 -7.97
N GLY A 130 7.59 14.24 -9.03
CA GLY A 130 9.03 14.00 -8.92
C GLY A 130 9.70 14.13 -10.26
N HIS A 131 10.95 14.52 -10.20
CA HIS A 131 11.85 14.67 -11.34
C HIS A 131 12.78 13.45 -11.44
N ALA A 132 12.74 12.79 -12.60
CA ALA A 132 13.77 11.81 -13.04
C ALA A 132 13.72 10.64 -12.07
N MET A 133 14.77 10.32 -11.32
CA MET A 133 14.64 9.22 -10.31
C MET A 133 13.52 9.53 -9.31
N GLY A 134 13.26 10.81 -9.05
CA GLY A 134 12.11 11.26 -8.25
C GLY A 134 10.81 10.84 -8.89
N GLY A 135 10.71 10.94 -10.22
CA GLY A 135 9.52 10.49 -10.98
C GLY A 135 9.33 8.99 -10.90
N GLY A 136 10.42 8.26 -10.94
CA GLY A 136 10.44 6.81 -10.69
C GLY A 136 9.86 6.52 -9.33
N GLY A 137 10.31 7.27 -8.33
CA GLY A 137 9.78 7.13 -6.94
C GLY A 137 8.27 7.34 -6.92
N THR A 138 7.81 8.33 -7.70
CA THR A 138 6.39 8.73 -7.74
C THR A 138 5.56 7.52 -8.22
N LEU A 139 6.05 6.83 -9.26
CA LEU A 139 5.33 5.66 -9.82
C LEU A 139 5.27 4.52 -8.80
N ARG A 140 6.36 4.29 -8.07
CA ARG A 140 6.42 3.24 -7.03
C ARG A 140 5.42 3.53 -5.92
N ILE A 141 5.42 4.77 -5.40
CA ILE A 141 4.53 5.10 -4.25
C ILE A 141 3.07 5.05 -4.69
N ALA A 142 2.79 5.43 -5.95
CA ALA A 142 1.44 5.33 -6.54
C ALA A 142 0.95 3.87 -6.51
N GLU A 143 1.81 2.89 -6.73
CA GLU A 143 1.46 1.45 -6.67
C GLU A 143 1.13 1.06 -5.21
N GLN A 144 1.89 1.58 -4.25
CA GLN A 144 1.77 1.21 -2.82
C GLN A 144 0.60 1.92 -2.12
N ASN A 145 0.30 3.17 -2.47
CA ASN A 145 -0.63 4.01 -1.68
C ASN A 145 -1.81 4.39 -2.55
N PRO A 146 -2.92 3.61 -2.53
CA PRO A 146 -4.07 3.90 -3.40
C PRO A 146 -4.91 5.11 -3.01
N SER A 147 -4.63 5.72 -1.86
CA SER A 147 -5.37 6.91 -1.34
C SER A 147 -4.85 8.19 -2.02
N LEU A 148 -3.71 8.14 -2.71
CA LEU A 148 -3.12 9.34 -3.36
C LEU A 148 -4.04 9.77 -4.49
N LYS A 149 -4.21 11.05 -4.68
CA LYS A 149 -5.21 11.58 -5.64
C LYS A 149 -4.60 11.60 -7.02
N ALA A 150 -3.30 11.82 -7.12
CA ALA A 150 -2.66 11.94 -8.44
C ALA A 150 -1.17 11.71 -8.30
N ALA A 151 -0.53 11.36 -9.41
CA ALA A 151 0.94 11.30 -9.52
C ALA A 151 1.38 12.01 -10.80
N VAL A 152 2.44 12.80 -10.72
CA VAL A 152 3.01 13.47 -11.90
C VAL A 152 4.51 13.19 -11.97
N PRO A 153 4.95 12.14 -12.70
CA PRO A 153 6.37 11.90 -12.96
C PRO A 153 6.90 12.82 -14.06
N LEU A 154 7.93 13.59 -13.74
CA LEU A 154 8.53 14.58 -14.70
C LEU A 154 9.85 14.02 -15.21
N THR A 155 9.99 13.85 -16.52
CA THR A 155 11.12 13.18 -17.22
C THR A 155 11.60 12.02 -16.37
N PRO A 156 10.71 11.05 -16.05
CA PRO A 156 11.00 10.04 -15.04
C PRO A 156 12.05 9.02 -15.50
N TRP A 157 12.70 8.44 -14.50
CA TRP A 157 13.72 7.36 -14.65
C TRP A 157 13.43 6.27 -13.62
N HIS A 158 13.45 5.03 -14.08
CA HIS A 158 13.35 3.81 -13.24
C HIS A 158 13.81 2.62 -14.08
N THR A 159 14.47 1.67 -13.44
CA THR A 159 14.75 0.33 -14.01
C THR A 159 13.47 -0.49 -14.09
N ASP A 160 12.58 -0.31 -13.13
CA ASP A 160 11.23 -0.92 -13.18
C ASP A 160 10.41 -0.17 -14.23
N LYS A 161 9.85 -0.88 -15.20
CA LYS A 161 9.08 -0.27 -16.30
C LYS A 161 7.57 -0.49 -16.09
N THR A 162 7.21 -1.20 -15.04
CA THR A 162 5.87 -1.79 -14.89
C THR A 162 5.25 -1.35 -13.57
N PHE A 163 4.24 -0.50 -13.60
CA PHE A 163 3.57 -0.11 -12.34
C PHE A 163 2.09 -0.40 -12.47
N ASN A 164 1.51 -0.91 -11.38
CA ASN A 164 0.05 -1.13 -11.24
C ASN A 164 -0.46 -0.08 -10.25
N THR A 165 -1.20 0.90 -10.75
CA THR A 165 -1.90 1.87 -9.87
C THR A 165 -3.20 2.28 -10.53
N SER A 166 -4.19 2.62 -9.70
CA SER A 166 -5.45 3.29 -10.08
C SER A 166 -5.35 4.80 -9.80
N VAL A 167 -4.24 5.25 -9.20
CA VAL A 167 -3.96 6.71 -9.02
C VAL A 167 -3.80 7.32 -10.40
N PRO A 168 -4.56 8.36 -10.78
CA PRO A 168 -4.33 9.04 -12.07
C PRO A 168 -2.90 9.57 -12.22
N VAL A 169 -2.30 9.29 -13.37
CA VAL A 169 -0.87 9.58 -13.66
C VAL A 169 -0.81 10.46 -14.89
N LEU A 170 -0.11 11.58 -14.82
CA LEU A 170 0.31 12.35 -16.01
C LEU A 170 1.84 12.39 -16.02
N ILE A 171 2.42 11.85 -17.09
CA ILE A 171 3.89 11.77 -17.26
C ILE A 171 4.27 12.88 -18.23
N VAL A 172 5.33 13.60 -17.90
CA VAL A 172 5.96 14.58 -18.81
C VAL A 172 7.27 13.98 -19.29
N GLY A 173 7.39 13.76 -20.59
CA GLY A 173 8.65 13.38 -21.25
C GLY A 173 9.29 14.56 -21.94
N ALA A 174 10.62 14.53 -22.11
CA ALA A 174 11.37 15.56 -22.85
C ALA A 174 11.97 14.91 -24.11
N GLU A 175 11.57 15.41 -25.26
CA GLU A 175 11.97 14.90 -26.61
C GLU A 175 13.48 14.63 -26.66
N ALA A 176 14.32 15.54 -26.17
CA ALA A 176 15.79 15.46 -26.37
C ALA A 176 16.46 14.90 -25.12
N ASP A 177 15.70 14.23 -24.25
CA ASP A 177 16.24 13.68 -22.98
C ASP A 177 17.16 12.50 -23.31
N THR A 178 18.44 12.64 -23.00
CA THR A 178 19.51 11.61 -23.17
C THR A 178 19.78 10.88 -21.84
N VAL A 179 19.26 11.39 -20.72
CA VAL A 179 19.50 10.80 -19.38
C VAL A 179 18.43 9.73 -19.11
N ALA A 180 17.17 10.08 -19.35
CA ALA A 180 16.00 9.20 -19.21
C ALA A 180 15.23 9.24 -20.49
N PRO A 181 15.80 8.68 -21.59
CA PRO A 181 15.16 8.77 -22.90
C PRO A 181 13.72 8.27 -22.81
N VAL A 182 12.82 8.97 -23.49
CA VAL A 182 11.36 8.73 -23.40
C VAL A 182 11.09 7.32 -23.91
N SER A 183 11.88 6.83 -24.88
CA SER A 183 11.66 5.50 -25.50
C SER A 183 11.92 4.39 -24.48
N GLN A 184 12.77 4.64 -23.48
CA GLN A 184 13.19 3.62 -22.47
C GLN A 184 12.51 3.80 -21.10
N HIS A 185 11.97 4.99 -20.82
CA HIS A 185 11.47 5.38 -19.47
C HIS A 185 10.02 5.88 -19.55
N ALA A 186 9.80 7.15 -19.87
CA ALA A 186 8.46 7.79 -19.84
C ALA A 186 7.44 6.96 -20.61
N ILE A 187 7.72 6.59 -21.86
CA ILE A 187 6.72 5.94 -22.74
C ILE A 187 6.40 4.53 -22.24
N PRO A 188 7.40 3.67 -21.96
CA PRO A 188 7.13 2.41 -21.29
C PRO A 188 6.32 2.56 -20.00
N PHE A 189 6.63 3.57 -19.17
CA PHE A 189 5.85 3.72 -17.91
C PHE A 189 4.39 3.96 -18.28
N TYR A 190 4.12 4.86 -19.22
CA TYR A 190 2.77 5.21 -19.71
C TYR A 190 2.09 3.95 -20.25
N GLN A 191 2.76 3.25 -21.16
N GLN A 191 2.74 3.25 -21.17
CA GLN A 191 2.17 2.10 -21.90
CA GLN A 191 2.08 2.11 -21.86
C GLN A 191 1.86 0.97 -20.91
C GLN A 191 1.77 1.03 -20.82
N ASN A 192 2.65 0.80 -19.84
CA ASN A 192 2.55 -0.39 -18.94
C ASN A 192 1.62 -0.10 -17.75
N LEU A 193 1.25 1.15 -17.54
CA LEU A 193 0.17 1.44 -16.56
C LEU A 193 -1.12 0.78 -17.02
N PRO A 194 -2.01 0.40 -16.07
CA PRO A 194 -3.28 -0.20 -16.45
C PRO A 194 -4.10 0.66 -17.42
N SER A 195 -4.75 0.02 -18.41
CA SER A 195 -5.53 0.73 -19.45
C SER A 195 -6.79 1.33 -18.82
N THR A 196 -7.17 0.88 -17.63
CA THR A 196 -8.35 1.40 -16.90
C THR A 196 -7.98 2.55 -15.94
N THR A 197 -6.70 2.90 -15.86
CA THR A 197 -6.27 4.03 -14.99
C THR A 197 -6.29 5.31 -15.80
N PRO A 198 -6.86 6.42 -15.31
CA PRO A 198 -6.75 7.68 -16.04
C PRO A 198 -5.27 8.02 -16.17
N LYS A 199 -4.80 8.15 -17.40
CA LYS A 199 -3.37 8.41 -17.67
C LYS A 199 -3.20 9.33 -18.87
N VAL A 200 -2.17 10.14 -18.79
CA VAL A 200 -1.78 11.06 -19.87
C VAL A 200 -0.27 11.04 -19.95
N TYR A 201 0.21 11.10 -21.19
CA TYR A 201 1.65 11.28 -21.46
C TYR A 201 1.77 12.50 -22.38
N VAL A 202 2.60 13.47 -21.98
CA VAL A 202 2.88 14.65 -22.84
C VAL A 202 4.39 14.67 -23.08
N GLU A 203 4.79 14.96 -24.32
CA GLU A 203 6.23 15.07 -24.62
C GLU A 203 6.54 16.49 -25.07
N LEU A 204 7.49 17.11 -24.39
CA LEU A 204 7.89 18.49 -24.71
C LEU A 204 8.85 18.52 -25.91
N CYS A 205 8.51 19.32 -26.90
CA CYS A 205 9.39 19.49 -28.08
C CYS A 205 10.75 20.08 -27.68
N ASN A 206 11.84 19.53 -28.20
CA ASN A 206 13.20 20.12 -28.05
C ASN A 206 13.69 20.17 -26.60
N ALA A 207 12.94 19.60 -25.67
CA ALA A 207 13.31 19.76 -24.24
C ALA A 207 14.33 18.73 -23.79
N SER A 208 15.15 19.12 -22.82
CA SER A 208 16.18 18.23 -22.25
C SER A 208 15.71 17.62 -20.92
N HIS A 209 16.55 16.76 -20.36
CA HIS A 209 16.30 16.18 -19.03
C HIS A 209 16.15 17.27 -17.96
N ILE A 210 16.75 18.44 -18.16
CA ILE A 210 16.72 19.48 -17.08
C ILE A 210 15.56 20.49 -17.25
N ALA A 211 14.73 20.30 -18.26
CA ALA A 211 13.56 21.20 -18.47
C ALA A 211 12.76 21.38 -17.15
N PRO A 212 12.52 20.32 -16.35
CA PRO A 212 11.72 20.46 -15.11
C PRO A 212 12.42 21.29 -14.01
N ASN A 213 13.70 21.61 -14.20
CA ASN A 213 14.51 22.32 -13.15
C ASN A 213 14.43 23.85 -13.27
N SER A 214 13.75 24.35 -14.29
CA SER A 214 13.63 25.80 -14.53
C SER A 214 12.20 26.14 -14.97
N ASN A 215 11.78 27.37 -14.72
CA ASN A 215 10.43 27.85 -15.11
C ASN A 215 10.09 27.30 -16.49
N ASN A 216 8.98 26.58 -16.59
CA ASN A 216 8.59 25.89 -17.85
C ASN A 216 7.06 25.96 -17.97
N ALA A 217 6.56 26.60 -19.03
CA ALA A 217 5.11 26.84 -19.16
C ALA A 217 4.33 25.52 -19.24
N ALA A 218 4.77 24.62 -20.09
CA ALA A 218 4.00 23.38 -20.30
C ALA A 218 3.93 22.58 -18.98
N ILE A 219 5.09 22.39 -18.34
CA ILE A 219 5.14 21.66 -17.05
C ILE A 219 4.18 22.34 -16.04
N SER A 220 4.21 23.67 -15.98
CA SER A 220 3.32 24.43 -15.07
C SER A 220 1.85 24.09 -15.40
N VAL A 221 1.49 24.23 -16.67
CA VAL A 221 0.07 23.99 -17.09
C VAL A 221 -0.37 22.53 -16.78
N TYR A 222 0.41 21.54 -17.21
CA TYR A 222 -0.04 20.13 -17.07
C TYR A 222 -0.02 19.69 -15.60
N THR A 223 1.00 20.11 -14.84
CA THR A 223 1.12 19.76 -13.41
C THR A 223 -0.03 20.41 -12.59
N ILE A 224 -0.19 21.73 -12.71
CA ILE A 224 -1.29 22.43 -11.97
C ILE A 224 -2.62 21.78 -12.36
N SER A 225 -2.83 21.60 -13.66
CA SER A 225 -4.12 21.10 -14.18
C SER A 225 -4.41 19.67 -13.65
N TRP A 226 -3.42 18.79 -13.68
CA TRP A 226 -3.60 17.39 -13.20
C TRP A 226 -3.92 17.40 -11.69
N MET A 227 -3.12 18.14 -10.94
CA MET A 227 -3.34 18.25 -9.46
C MET A 227 -4.72 18.87 -9.19
N LYS A 228 -5.02 19.99 -9.85
CA LYS A 228 -6.33 20.65 -9.66
C LYS A 228 -7.46 19.64 -9.94
N LEU A 229 -7.35 18.93 -11.04
CA LEU A 229 -8.47 18.03 -11.43
C LEU A 229 -8.70 16.93 -10.40
N TRP A 230 -7.62 16.37 -9.86
CA TRP A 230 -7.74 15.15 -9.01
C TRP A 230 -7.67 15.45 -7.50
N VAL A 231 -6.77 16.34 -7.10
CA VAL A 231 -6.67 16.73 -5.66
C VAL A 231 -7.89 17.57 -5.24
N ASP A 232 -8.35 18.46 -6.11
CA ASP A 232 -9.48 19.39 -5.81
C ASP A 232 -10.81 18.97 -6.47
N ASN A 233 -10.80 17.91 -7.27
CA ASN A 233 -12.02 17.53 -8.02
C ASN A 233 -12.40 18.74 -8.88
N ASP A 234 -11.41 19.50 -9.35
CA ASP A 234 -11.67 20.78 -10.06
C ASP A 234 -11.82 20.58 -11.58
N THR A 235 -13.05 20.33 -12.01
CA THR A 235 -13.36 20.05 -13.45
C THR A 235 -13.06 21.22 -14.38
N ARG A 236 -12.87 22.41 -13.81
CA ARG A 236 -12.50 23.59 -14.63
C ARG A 236 -11.14 23.40 -15.32
N TYR A 237 -10.36 22.41 -14.89
CA TYR A 237 -8.99 22.18 -15.44
C TYR A 237 -9.00 21.11 -16.55
N ARG A 238 -10.17 20.52 -16.80
CA ARG A 238 -10.33 19.55 -17.91
C ARG A 238 -9.94 20.22 -19.24
N GLN A 239 -10.28 21.49 -19.39
CA GLN A 239 -10.01 22.24 -20.65
C GLN A 239 -8.55 22.21 -21.06
N PHE A 240 -7.64 22.13 -20.09
CA PHE A 240 -6.18 22.13 -20.40
C PHE A 240 -5.68 20.70 -20.65
N LEU A 241 -6.47 19.71 -20.29
CA LEU A 241 -6.03 18.29 -20.41
C LEU A 241 -6.84 17.49 -21.44
N CYS A 242 -7.83 18.11 -22.07
CA CYS A 242 -8.75 17.42 -22.99
C CYS A 242 -8.79 18.20 -24.34
N ASN A 243 -9.01 17.47 -25.43
CA ASN A 243 -9.06 18.14 -26.76
C ASN A 243 -7.82 19.03 -26.86
N VAL A 244 -6.66 18.46 -26.51
CA VAL A 244 -5.42 19.26 -26.41
C VAL A 244 -4.76 19.47 -27.76
N ASN A 245 -4.55 20.73 -28.10
CA ASN A 245 -3.80 21.09 -29.33
C ASN A 245 -2.71 22.06 -28.85
N ASP A 246 -1.57 21.52 -28.43
CA ASP A 246 -0.51 22.36 -27.82
C ASP A 246 0.77 22.30 -28.65
N PRO A 247 1.16 23.42 -29.31
CA PRO A 247 2.39 23.46 -30.13
C PRO A 247 3.70 23.17 -29.37
N ALA A 248 3.71 23.31 -28.06
CA ALA A 248 4.89 22.98 -27.22
C ALA A 248 5.10 21.46 -27.17
N LEU A 249 4.09 20.68 -27.53
CA LEU A 249 4.18 19.21 -27.41
C LEU A 249 4.52 18.52 -28.74
N CYS A 250 5.33 17.47 -28.70
CA CYS A 250 5.71 16.70 -29.91
C CYS A 250 5.12 15.28 -29.77
N ASP A 251 4.42 15.04 -28.68
CA ASP A 251 3.69 13.77 -28.50
C ASP A 251 2.64 13.94 -27.39
N PHE A 252 1.57 13.17 -27.51
CA PHE A 252 0.48 13.19 -26.51
C PHE A 252 -0.25 11.85 -26.62
N ARG A 253 -0.41 11.16 -25.50
CA ARG A 253 -1.12 9.86 -25.44
C ARG A 253 -1.99 9.86 -24.19
N THR A 254 -3.19 9.32 -24.35
CA THR A 254 -4.15 9.24 -23.26
C THR A 254 -5.18 8.16 -23.57
N ASN A 255 -5.79 7.63 -22.51
CA ASN A 255 -6.99 6.76 -22.57
C ASN A 255 -8.23 7.62 -22.34
N ASN A 256 -8.10 8.95 -22.23
CA ASN A 256 -9.19 9.94 -22.06
C ASN A 256 -10.20 9.40 -21.04
N ARG A 257 -9.76 9.06 -19.84
CA ARG A 257 -10.71 8.74 -18.76
C ARG A 257 -10.91 9.92 -17.83
N HIS A 258 -10.27 11.05 -18.09
CA HIS A 258 -10.23 12.20 -17.17
C HIS A 258 -11.11 13.33 -17.69
N CYS A 259 -11.75 13.14 -18.83
CA CYS A 259 -12.40 14.23 -19.61
C CYS A 259 -13.91 14.28 -19.30
N GLN A 260 -14.43 13.32 -18.54
CA GLN A 260 -15.86 13.28 -18.20
C GLN A 260 -15.98 12.34 -17.00
N GLY B 1 -13.33 11.66 -3.75
CA GLY B 1 -13.96 11.54 -2.42
C GLY B 1 -13.12 10.79 -1.39
N MET B 2 -13.62 10.65 -0.18
CA MET B 2 -13.01 9.92 0.97
C MET B 2 -12.82 8.45 0.56
N SER B 3 -11.66 7.88 0.82
CA SER B 3 -11.40 6.45 0.51
C SER B 3 -11.09 5.73 1.82
N ASN B 4 -11.26 4.44 1.83
CA ASN B 4 -11.00 3.57 3.00
C ASN B 4 -9.56 3.81 3.44
N PRO B 5 -9.31 4.32 4.67
CA PRO B 5 -7.94 4.69 5.04
C PRO B 5 -6.96 3.52 5.25
N TYR B 6 -7.47 2.28 5.35
CA TYR B 6 -6.64 1.05 5.54
C TYR B 6 -6.23 0.38 4.22
N GLN B 7 -6.69 0.87 3.05
CA GLN B 7 -6.36 0.24 1.74
C GLN B 7 -4.86 0.38 1.49
N ARG B 8 -4.21 -0.72 1.14
CA ARG B 8 -2.78 -0.72 0.75
C ARG B 8 -2.63 -1.48 -0.56
N GLY B 9 -1.69 -1.03 -1.36
CA GLY B 9 -1.34 -1.63 -2.63
C GLY B 9 -2.39 -1.29 -3.66
N PRO B 10 -2.17 -1.78 -4.89
CA PRO B 10 -3.06 -1.51 -6.01
C PRO B 10 -4.19 -2.54 -6.12
N ASN B 11 -5.02 -2.35 -7.12
CA ASN B 11 -6.06 -3.33 -7.50
C ASN B 11 -5.37 -4.69 -7.61
N PRO B 12 -5.82 -5.68 -6.83
CA PRO B 12 -5.21 -7.00 -6.85
C PRO B 12 -5.56 -7.78 -8.12
N THR B 13 -4.61 -8.59 -8.59
CA THR B 13 -4.85 -9.61 -9.63
C THR B 13 -4.47 -10.95 -9.02
N ARG B 14 -5.06 -12.02 -9.51
CA ARG B 14 -4.70 -13.38 -9.06
C ARG B 14 -3.17 -13.55 -9.16
N SER B 15 -2.60 -13.18 -10.30
CA SER B 15 -1.13 -13.34 -10.47
C SER B 15 -0.38 -12.62 -9.33
N ALA B 16 -0.71 -11.36 -9.06
CA ALA B 16 -0.06 -10.57 -8.00
C ALA B 16 -0.15 -11.30 -6.65
N LEU B 17 -1.27 -11.99 -6.37
CA LEU B 17 -1.51 -12.63 -5.07
C LEU B 17 -0.82 -13.99 -5.00
N THR B 18 -0.15 -14.45 -6.07
CA THR B 18 0.60 -15.75 -6.04
C THR B 18 2.12 -15.47 -5.92
N ALA B 19 2.51 -14.22 -5.71
CA ALA B 19 3.90 -13.79 -5.58
C ALA B 19 3.99 -12.75 -4.47
N ASP B 20 5.21 -12.42 -4.05
CA ASP B 20 5.42 -11.38 -3.03
C ASP B 20 4.89 -10.05 -3.58
N GLY B 21 4.32 -9.25 -2.66
CA GLY B 21 3.50 -8.08 -2.99
C GLY B 21 4.34 -6.81 -3.14
N PRO B 22 3.63 -5.68 -3.15
CA PRO B 22 4.26 -4.39 -3.46
C PRO B 22 5.11 -3.75 -2.36
N PHE B 23 5.22 -4.38 -1.19
CA PHE B 23 6.04 -3.84 -0.07
C PHE B 23 7.33 -4.67 0.08
N SER B 24 8.46 -3.98 0.28
CA SER B 24 9.70 -4.63 0.80
C SER B 24 9.41 -5.10 2.21
N VAL B 25 10.08 -6.18 2.60
CA VAL B 25 9.90 -6.86 3.90
C VAL B 25 11.21 -6.80 4.69
N ALA B 26 11.12 -6.38 5.94
CA ALA B 26 12.17 -6.50 6.95
C ALA B 26 11.80 -7.67 7.87
N THR B 27 12.79 -8.30 8.45
CA THR B 27 12.57 -9.47 9.33
C THR B 27 13.27 -9.20 10.65
N TYR B 28 12.63 -9.60 11.74
CA TYR B 28 13.23 -9.47 13.08
C TYR B 28 13.11 -10.82 13.75
N THR B 29 14.24 -11.38 14.19
CA THR B 29 14.25 -12.64 14.94
C THR B 29 14.02 -12.37 16.42
N VAL B 30 12.94 -12.93 16.95
CA VAL B 30 12.58 -12.85 18.38
C VAL B 30 13.11 -14.11 19.07
N SER B 31 14.17 -13.99 19.90
CA SER B 31 14.75 -15.14 20.62
C SER B 31 13.72 -15.72 21.61
N ARG B 32 13.79 -17.02 21.83
CA ARG B 32 13.06 -17.76 22.90
C ARG B 32 13.32 -17.09 24.26
N LEU B 33 14.55 -16.72 24.56
CA LEU B 33 14.92 -16.10 25.87
C LEU B 33 14.19 -14.77 26.08
N SER B 34 14.00 -13.96 25.03
CA SER B 34 13.52 -12.55 25.14
C SER B 34 12.03 -12.46 25.46
N VAL B 35 11.25 -13.53 25.39
CA VAL B 35 9.78 -13.38 25.59
C VAL B 35 9.22 -14.44 26.54
N SER B 36 8.23 -14.03 27.30
CA SER B 36 7.43 -14.94 28.17
C SER B 36 6.11 -15.25 27.46
N GLY B 37 5.63 -16.48 27.58
CA GLY B 37 4.32 -16.88 27.05
C GLY B 37 4.38 -17.53 25.68
N PHE B 38 5.52 -17.50 24.99
CA PHE B 38 5.71 -18.24 23.72
C PHE B 38 7.21 -18.39 23.47
N GLY B 39 7.58 -19.11 22.42
CA GLY B 39 8.95 -19.53 22.11
C GLY B 39 9.67 -18.56 21.19
N GLY B 40 9.24 -17.29 21.15
CA GLY B 40 9.76 -16.30 20.20
C GLY B 40 9.28 -16.59 18.79
N GLY B 41 10.12 -16.26 17.80
CA GLY B 41 9.82 -16.51 16.38
C GLY B 41 10.40 -15.42 15.49
N VAL B 42 9.66 -15.06 14.45
CA VAL B 42 10.18 -14.15 13.39
C VAL B 42 9.06 -13.21 13.02
N ILE B 43 9.37 -11.90 13.07
CA ILE B 43 8.47 -10.84 12.57
C ILE B 43 8.90 -10.48 11.14
N TYR B 44 7.95 -10.56 10.21
CA TYR B 44 8.03 -10.04 8.84
C TYR B 44 7.16 -8.79 8.80
N TYR B 45 7.70 -7.69 8.33
CA TYR B 45 6.94 -6.43 8.33
C TYR B 45 7.40 -5.51 7.19
N PRO B 46 6.49 -4.63 6.72
CA PRO B 46 6.82 -3.75 5.62
C PRO B 46 7.95 -2.76 5.95
N THR B 47 8.84 -2.57 4.99
CA THR B 47 9.95 -1.58 5.09
C THR B 47 9.85 -0.62 3.89
N GLY B 48 10.54 0.51 3.96
CA GLY B 48 10.54 1.50 2.85
C GLY B 48 9.20 2.18 2.69
N THR B 49 8.38 2.14 3.75
CA THR B 49 7.05 2.77 3.75
C THR B 49 6.75 3.34 5.13
N SER B 50 6.01 4.44 5.16
CA SER B 50 5.55 5.04 6.44
C SER B 50 4.06 4.78 6.68
N LEU B 51 3.44 3.97 5.86
CA LEU B 51 2.06 3.51 6.13
C LEU B 51 2.08 2.55 7.32
N THR B 52 0.93 2.40 7.97
CA THR B 52 0.73 1.42 9.05
C THR B 52 -0.22 0.31 8.54
N PHE B 53 -0.12 -0.85 9.14
CA PHE B 53 -0.66 -2.13 8.63
C PHE B 53 -1.20 -2.93 9.82
N GLY B 54 -2.25 -3.71 9.58
CA GLY B 54 -2.73 -4.66 10.58
C GLY B 54 -1.66 -5.69 10.89
N GLY B 55 -1.81 -6.35 12.02
CA GLY B 55 -0.90 -7.39 12.51
C GLY B 55 -1.56 -8.77 12.43
N ILE B 56 -0.74 -9.78 12.19
CA ILE B 56 -1.16 -11.22 12.17
C ILE B 56 -0.17 -12.00 13.03
N ALA B 57 -0.66 -12.79 13.97
CA ALA B 57 0.16 -13.82 14.63
C ALA B 57 -0.20 -15.17 14.00
N MET B 58 0.82 -15.96 13.66
N MET B 58 0.82 -15.97 13.68
CA MET B 58 0.67 -17.29 13.01
CA MET B 58 0.65 -17.29 13.02
C MET B 58 1.37 -18.37 13.83
C MET B 58 1.37 -18.38 13.81
N SER B 59 0.72 -19.53 14.00
CA SER B 59 1.26 -20.68 14.74
C SER B 59 1.55 -21.82 13.78
N PRO B 60 2.73 -22.44 13.87
CA PRO B 60 2.98 -23.65 13.13
C PRO B 60 2.32 -24.81 13.89
N GLY B 61 2.46 -26.00 13.35
CA GLY B 61 1.81 -27.22 13.79
C GLY B 61 2.71 -28.07 14.65
N TYR B 62 2.17 -29.20 15.02
CA TYR B 62 2.82 -30.17 15.93
C TYR B 62 4.17 -30.59 15.35
N THR B 63 5.20 -30.55 16.18
CA THR B 63 6.62 -30.91 15.89
C THR B 63 7.26 -29.87 14.97
N ALA B 64 6.52 -28.86 14.48
CA ALA B 64 7.07 -27.91 13.48
C ALA B 64 7.57 -26.66 14.21
N ASP B 65 8.37 -25.88 13.52
CA ASP B 65 8.75 -24.54 14.02
C ASP B 65 8.35 -23.48 13.01
N ALA B 66 8.62 -22.22 13.36
CA ALA B 66 8.22 -21.03 12.58
C ALA B 66 8.73 -21.14 11.14
N SER B 67 9.84 -21.83 10.88
CA SER B 67 10.37 -21.93 9.50
C SER B 67 9.36 -22.61 8.58
N SER B 68 8.49 -23.47 9.09
CA SER B 68 7.49 -24.19 8.27
C SER B 68 6.46 -23.23 7.65
N LEU B 69 6.39 -21.98 8.11
CA LEU B 69 5.43 -20.97 7.60
C LEU B 69 6.15 -19.69 7.20
N ALA B 70 7.48 -19.73 7.07
CA ALA B 70 8.29 -18.55 6.72
C ALA B 70 7.85 -18.00 5.36
N TRP B 71 7.56 -18.88 4.41
CA TRP B 71 7.19 -18.45 3.04
C TRP B 71 5.90 -17.61 3.14
N LEU B 72 4.96 -18.03 3.98
CA LEU B 72 3.64 -17.37 4.09
C LEU B 72 3.76 -16.10 4.95
N GLY B 73 4.55 -16.13 6.02
CA GLY B 73 4.86 -14.89 6.78
C GLY B 73 5.41 -13.78 5.88
N ARG B 74 6.42 -14.11 5.09
CA ARG B 74 7.03 -13.16 4.13
C ARG B 74 5.99 -12.71 3.07
N ARG B 75 5.26 -13.65 2.51
CA ARG B 75 4.22 -13.39 1.50
C ARG B 75 3.19 -12.39 2.07
N LEU B 76 2.66 -12.69 3.25
CA LEU B 76 1.63 -11.78 3.82
C LEU B 76 2.26 -10.41 4.08
N ALA B 77 3.46 -10.34 4.69
CA ALA B 77 4.12 -9.05 5.02
C ALA B 77 4.28 -8.20 3.75
N SER B 78 4.72 -8.82 2.65
CA SER B 78 4.98 -8.14 1.35
C SER B 78 3.71 -7.55 0.74
N HIS B 79 2.53 -8.00 1.18
CA HIS B 79 1.22 -7.49 0.71
C HIS B 79 0.64 -6.46 1.70
N GLY B 80 1.31 -6.21 2.82
CA GLY B 80 0.99 -5.10 3.73
C GLY B 80 0.42 -5.61 5.04
N PHE B 81 1.22 -6.39 5.75
CA PHE B 81 0.89 -6.85 7.12
C PHE B 81 2.14 -6.92 7.98
N VAL B 82 1.97 -6.75 9.28
CA VAL B 82 3.02 -7.04 10.26
C VAL B 82 2.74 -8.46 10.75
N VAL B 83 3.61 -9.42 10.46
CA VAL B 83 3.31 -10.85 10.71
C VAL B 83 4.35 -11.42 11.69
N LEU B 84 3.89 -11.96 12.78
CA LEU B 84 4.75 -12.69 13.73
C LEU B 84 4.39 -14.17 13.63
N VAL B 85 5.33 -14.95 13.13
CA VAL B 85 5.23 -16.43 13.07
C VAL B 85 5.97 -16.93 14.31
N ILE B 86 5.24 -17.56 15.21
CA ILE B 86 5.79 -17.97 16.53
C ILE B 86 6.48 -19.32 16.43
N ASN B 87 7.49 -19.47 17.27
CA ASN B 87 7.90 -20.77 17.80
C ASN B 87 7.12 -20.96 19.10
N THR B 88 6.72 -22.20 19.35
CA THR B 88 6.01 -22.58 20.59
C THR B 88 7.06 -22.89 21.64
N ASN B 89 6.64 -22.79 22.89
CA ASN B 89 7.42 -23.22 24.08
C ASN B 89 7.98 -24.61 23.84
N SER B 90 7.12 -25.55 23.41
CA SER B 90 7.55 -26.92 23.07
C SER B 90 6.97 -27.30 21.70
N ARG B 91 7.74 -27.98 20.85
CA ARG B 91 7.19 -28.50 19.56
C ARG B 91 6.00 -29.46 19.76
N PHE B 92 5.80 -30.01 20.96
CA PHE B 92 4.69 -30.95 21.26
C PHE B 92 3.50 -30.24 21.90
N ASP B 93 3.49 -28.91 21.94
CA ASP B 93 2.32 -28.19 22.47
C ASP B 93 1.06 -28.54 21.65
N GLY B 94 -0.06 -28.73 22.34
CA GLY B 94 -1.37 -28.96 21.70
C GLY B 94 -1.99 -27.66 21.21
N PRO B 95 -3.19 -27.74 20.58
CA PRO B 95 -3.84 -26.57 19.98
C PRO B 95 -4.22 -25.49 21.01
N ASP B 96 -4.73 -25.87 22.19
CA ASP B 96 -5.18 -24.86 23.16
C ASP B 96 -3.94 -24.14 23.68
N SER B 97 -2.82 -24.84 23.83
CA SER B 97 -1.51 -24.23 24.17
C SER B 97 -1.10 -23.22 23.09
N ARG B 98 -1.26 -23.59 21.82
CA ARG B 98 -0.90 -22.74 20.66
C ARG B 98 -1.78 -21.50 20.70
N ALA B 99 -3.05 -21.64 21.08
CA ALA B 99 -3.97 -20.50 21.27
C ALA B 99 -3.39 -19.48 22.28
N SER B 100 -3.08 -19.93 23.51
CA SER B 100 -2.50 -19.11 24.59
C SER B 100 -1.22 -18.44 24.07
N GLN B 101 -0.44 -19.15 23.30
CA GLN B 101 0.85 -18.59 22.80
C GLN B 101 0.61 -17.51 21.72
N LEU B 102 -0.37 -17.71 20.84
CA LEU B 102 -0.76 -16.68 19.85
C LEU B 102 -1.21 -15.45 20.65
N SER B 103 -1.93 -15.67 21.75
CA SER B 103 -2.43 -14.54 22.54
C SER B 103 -1.23 -13.78 23.10
N ALA B 104 -0.24 -14.47 23.63
CA ALA B 104 0.98 -13.85 24.20
C ALA B 104 1.74 -13.13 23.09
N ALA B 105 1.81 -13.75 21.92
CA ALA B 105 2.54 -13.19 20.76
C ALA B 105 1.90 -11.87 20.34
N LEU B 106 0.58 -11.81 20.29
CA LEU B 106 -0.11 -10.58 19.84
C LEU B 106 0.11 -9.48 20.86
N ASN B 107 0.11 -9.80 22.17
CA ASN B 107 0.35 -8.82 23.26
C ASN B 107 1.80 -8.33 23.13
N TYR B 108 2.75 -9.23 22.88
CA TYR B 108 4.18 -8.87 22.64
C TYR B 108 4.30 -7.92 21.45
N LEU B 109 3.67 -8.30 20.33
CA LEU B 109 3.78 -7.55 19.05
C LEU B 109 3.34 -6.10 19.31
N ARG B 110 2.23 -5.94 20.02
CA ARG B 110 1.60 -4.64 20.33
C ARG B 110 2.51 -3.84 21.26
N THR B 111 3.17 -4.48 22.21
CA THR B 111 3.70 -3.74 23.40
C THR B 111 5.22 -3.69 23.41
N SER B 112 5.93 -4.75 23.05
CA SER B 112 7.36 -4.88 23.39
C SER B 112 8.23 -5.26 22.18
N SER B 113 7.65 -5.50 21.00
CA SER B 113 8.43 -5.71 19.76
C SER B 113 9.27 -4.45 19.49
N PRO B 114 10.26 -4.49 18.61
CA PRO B 114 11.08 -3.31 18.35
C PRO B 114 10.24 -2.08 17.98
N SER B 115 10.71 -0.89 18.33
CA SER B 115 10.24 0.42 17.81
C SER B 115 9.84 0.37 16.34
N ALA B 116 10.74 -0.05 15.46
CA ALA B 116 10.51 -0.10 13.99
C ALA B 116 9.27 -0.95 13.67
N VAL B 117 9.00 -1.96 14.49
CA VAL B 117 7.84 -2.85 14.22
C VAL B 117 6.55 -2.15 14.67
N ARG B 118 6.51 -1.67 15.91
CA ARG B 118 5.32 -0.97 16.43
C ARG B 118 4.96 0.26 15.56
N ALA B 119 5.96 0.90 14.97
CA ALA B 119 5.72 2.07 14.10
C ALA B 119 4.94 1.69 12.83
N ARG B 120 5.03 0.43 12.38
CA ARG B 120 4.34 -0.01 11.14
C ARG B 120 3.01 -0.69 11.49
N LEU B 121 2.76 -0.85 12.78
CA LEU B 121 1.60 -1.66 13.23
C LEU B 121 0.40 -0.83 13.67
N ASP B 122 -0.78 -1.22 13.20
CA ASP B 122 -2.05 -0.65 13.71
C ASP B 122 -2.59 -1.72 14.66
N ALA B 123 -2.30 -1.59 15.96
CA ALA B 123 -2.65 -2.61 16.96
C ALA B 123 -4.17 -2.74 17.13
N ASN B 124 -4.97 -1.86 16.50
CA ASN B 124 -6.45 -1.95 16.54
C ASN B 124 -6.93 -2.99 15.52
N ARG B 125 -6.06 -3.51 14.65
CA ARG B 125 -6.48 -4.41 13.53
C ARG B 125 -5.58 -5.65 13.54
N LEU B 126 -5.98 -6.70 14.24
CA LEU B 126 -5.15 -7.90 14.49
C LEU B 126 -5.92 -9.14 14.05
N ALA B 127 -5.20 -10.14 13.54
CA ALA B 127 -5.79 -11.39 13.01
C ALA B 127 -4.86 -12.53 13.36
N VAL B 128 -5.33 -13.76 13.14
CA VAL B 128 -4.57 -14.98 13.47
C VAL B 128 -4.68 -15.95 12.28
N ALA B 129 -3.67 -16.79 12.16
CA ALA B 129 -3.66 -17.91 11.19
C ALA B 129 -2.81 -19.00 11.81
N GLY B 130 -2.90 -20.20 11.27
CA GLY B 130 -2.05 -21.28 11.80
C GLY B 130 -2.26 -22.56 11.05
N HIS B 131 -1.26 -23.42 11.16
CA HIS B 131 -1.16 -24.73 10.50
C HIS B 131 -1.47 -25.83 11.52
N ALA B 132 -2.49 -26.63 11.21
CA ALA B 132 -2.73 -27.95 11.80
C ALA B 132 -3.07 -27.72 13.27
N MET B 133 -2.31 -28.22 14.26
CA MET B 133 -2.66 -27.88 15.66
C MET B 133 -2.59 -26.36 15.87
N GLY B 134 -1.77 -25.66 15.08
CA GLY B 134 -1.72 -24.18 15.05
C GLY B 134 -3.03 -23.61 14.51
N GLY B 135 -3.70 -24.33 13.60
CA GLY B 135 -5.03 -23.93 13.11
C GLY B 135 -6.13 -24.22 14.13
N GLY B 136 -6.00 -25.30 14.89
CA GLY B 136 -6.80 -25.51 16.11
C GLY B 136 -6.64 -24.35 17.08
N GLY B 137 -5.41 -23.90 17.32
CA GLY B 137 -5.19 -22.76 18.23
C GLY B 137 -5.79 -21.49 17.66
N THR B 138 -5.81 -21.36 16.34
CA THR B 138 -6.38 -20.21 15.63
C THR B 138 -7.89 -20.16 15.93
N LEU B 139 -8.56 -21.28 15.78
CA LEU B 139 -10.02 -21.37 16.08
C LEU B 139 -10.26 -21.05 17.56
N ARG B 140 -9.43 -21.57 18.46
CA ARG B 140 -9.64 -21.38 19.91
C ARG B 140 -9.46 -19.90 20.25
N ILE B 141 -8.36 -19.26 19.80
CA ILE B 141 -8.11 -17.83 20.14
C ILE B 141 -9.22 -16.96 19.56
N ALA B 142 -9.74 -17.29 18.37
CA ALA B 142 -10.84 -16.54 17.75
C ALA B 142 -12.08 -16.58 18.67
N GLU B 143 -12.36 -17.76 19.22
CA GLU B 143 -13.49 -17.98 20.14
C GLU B 143 -13.28 -17.13 21.41
N GLN B 144 -12.05 -17.05 21.92
CA GLN B 144 -11.72 -16.36 23.20
C GLN B 144 -11.60 -14.85 22.98
N ASN B 145 -11.40 -14.40 21.74
CA ASN B 145 -11.02 -12.98 21.46
C ASN B 145 -11.79 -12.46 20.27
N PRO B 146 -13.06 -12.05 20.48
CA PRO B 146 -13.89 -11.49 19.41
C PRO B 146 -13.40 -10.15 18.84
N SER B 147 -12.45 -9.49 19.46
CA SER B 147 -11.85 -8.24 18.91
C SER B 147 -10.97 -8.54 17.68
N LEU B 148 -10.56 -9.80 17.49
CA LEU B 148 -9.73 -10.17 16.32
C LEU B 148 -10.57 -9.98 15.05
N LYS B 149 -9.94 -9.52 13.98
CA LYS B 149 -10.60 -9.14 12.72
C LYS B 149 -10.84 -10.37 11.85
N ALA B 150 -10.02 -11.41 11.97
CA ALA B 150 -10.04 -12.58 11.06
C ALA B 150 -9.21 -13.72 11.61
N ALA B 151 -9.54 -14.93 11.16
CA ALA B 151 -8.87 -16.18 11.50
C ALA B 151 -8.75 -17.08 10.27
N VAL B 152 -7.55 -17.59 9.98
CA VAL B 152 -7.34 -18.50 8.82
C VAL B 152 -6.65 -19.74 9.35
N PRO B 153 -7.43 -20.76 9.73
CA PRO B 153 -6.90 -22.07 10.06
C PRO B 153 -6.55 -22.86 8.80
N LEU B 154 -5.29 -23.26 8.68
CA LEU B 154 -4.78 -24.03 7.54
C LEU B 154 -4.68 -25.51 7.92
N THR B 155 -5.26 -26.39 7.11
CA THR B 155 -5.35 -27.85 7.38
C THR B 155 -5.46 -28.04 8.90
N PRO B 156 -6.49 -27.46 9.58
CA PRO B 156 -6.49 -27.42 11.03
C PRO B 156 -6.72 -28.79 11.67
N TRP B 157 -6.24 -28.92 12.91
CA TRP B 157 -6.43 -30.10 13.79
C TRP B 157 -6.89 -29.64 15.16
N HIS B 158 -7.95 -30.26 15.70
CA HIS B 158 -8.33 -30.10 17.11
C HIS B 158 -9.22 -31.27 17.53
N THR B 159 -9.22 -31.64 18.81
CA THR B 159 -10.19 -32.63 19.36
C THR B 159 -11.57 -31.99 19.55
N ASP B 160 -11.62 -30.69 19.84
CA ASP B 160 -12.89 -29.93 19.93
C ASP B 160 -13.32 -29.61 18.49
N LYS B 161 -14.60 -29.82 18.16
CA LYS B 161 -15.10 -29.50 16.80
C LYS B 161 -15.97 -28.26 16.80
N THR B 162 -16.29 -27.71 17.97
CA THR B 162 -17.27 -26.61 18.09
C THR B 162 -16.58 -25.34 18.59
N PHE B 163 -16.50 -24.31 17.76
CA PHE B 163 -15.90 -23.01 18.13
C PHE B 163 -16.96 -21.92 18.02
N ASN B 164 -17.31 -21.30 19.14
CA ASN B 164 -18.36 -20.25 19.15
C ASN B 164 -17.66 -18.91 19.00
N THR B 165 -17.19 -18.62 17.79
CA THR B 165 -16.52 -17.33 17.50
C THR B 165 -17.38 -16.48 16.58
N SER B 166 -17.26 -15.18 16.73
CA SER B 166 -17.86 -14.15 15.85
C SER B 166 -16.83 -13.64 14.84
N VAL B 167 -15.59 -14.13 14.93
CA VAL B 167 -14.44 -13.63 14.11
C VAL B 167 -14.60 -14.28 12.74
N PRO B 168 -14.64 -13.53 11.63
CA PRO B 168 -14.70 -14.16 10.31
C PRO B 168 -13.60 -15.20 10.09
N VAL B 169 -13.98 -16.38 9.61
CA VAL B 169 -13.11 -17.57 9.50
C VAL B 169 -13.09 -18.07 8.06
N LEU B 170 -11.88 -18.26 7.53
CA LEU B 170 -11.65 -19.01 6.27
C LEU B 170 -10.74 -20.20 6.62
N ILE B 171 -11.29 -21.39 6.47
CA ILE B 171 -10.57 -22.66 6.73
C ILE B 171 -10.10 -23.19 5.39
N VAL B 172 -8.83 -23.56 5.32
CA VAL B 172 -8.30 -24.32 4.17
C VAL B 172 -8.17 -25.78 4.58
N GLY B 173 -8.93 -26.65 3.91
CA GLY B 173 -8.73 -28.09 4.05
C GLY B 173 -7.82 -28.61 2.96
N ALA B 174 -7.16 -29.72 3.23
CA ALA B 174 -6.38 -30.46 2.22
C ALA B 174 -7.09 -31.80 1.94
N GLU B 175 -7.54 -31.98 0.70
CA GLU B 175 -8.40 -33.14 0.32
C GLU B 175 -7.70 -34.46 0.69
N ALA B 176 -6.40 -34.61 0.44
CA ALA B 176 -5.65 -35.85 0.69
C ALA B 176 -5.09 -35.90 2.12
N ASP B 177 -5.50 -35.01 3.01
CA ASP B 177 -4.92 -34.95 4.39
C ASP B 177 -5.23 -36.22 5.20
N THR B 178 -4.20 -36.94 5.63
CA THR B 178 -4.35 -38.19 6.41
C THR B 178 -4.05 -37.95 7.88
N VAL B 179 -3.51 -36.78 8.24
CA VAL B 179 -3.10 -36.40 9.62
C VAL B 179 -4.31 -35.73 10.31
N ALA B 180 -4.90 -34.75 9.63
CA ALA B 180 -6.13 -34.06 10.05
C ALA B 180 -7.17 -34.20 8.94
N PRO B 181 -7.73 -35.41 8.72
CA PRO B 181 -8.68 -35.62 7.62
C PRO B 181 -9.80 -34.59 7.69
N VAL B 182 -10.10 -33.99 6.55
CA VAL B 182 -11.11 -32.91 6.42
C VAL B 182 -12.46 -33.39 6.99
N SER B 183 -12.83 -34.67 6.84
CA SER B 183 -14.16 -35.17 7.32
C SER B 183 -14.22 -35.13 8.85
N GLN B 184 -13.07 -35.24 9.52
CA GLN B 184 -12.99 -35.26 11.00
C GLN B 184 -12.61 -33.90 11.60
N HIS B 185 -11.99 -33.01 10.82
CA HIS B 185 -11.40 -31.76 11.36
C HIS B 185 -11.95 -30.54 10.65
N ALA B 186 -11.33 -30.16 9.53
CA ALA B 186 -11.66 -28.91 8.80
C ALA B 186 -13.18 -28.79 8.58
N ILE B 187 -13.81 -29.83 8.06
CA ILE B 187 -15.25 -29.68 7.67
C ILE B 187 -16.14 -29.53 8.92
N PRO B 188 -16.06 -30.38 9.96
CA PRO B 188 -16.82 -30.13 11.19
C PRO B 188 -16.53 -28.76 11.80
N PHE B 189 -15.27 -28.29 11.82
CA PHE B 189 -14.98 -26.91 12.33
C PHE B 189 -15.80 -25.90 11.55
N TYR B 190 -15.82 -26.00 10.22
CA TYR B 190 -16.59 -25.07 9.37
C TYR B 190 -18.11 -25.17 9.69
N GLN B 191 -18.65 -26.38 9.69
CA GLN B 191 -20.11 -26.64 9.83
C GLN B 191 -20.57 -26.14 11.21
N ASN B 192 -19.73 -26.28 12.22
CA ASN B 192 -20.11 -26.00 13.62
C ASN B 192 -19.88 -24.52 13.97
N LEU B 193 -19.22 -23.77 13.11
CA LEU B 193 -19.15 -22.32 13.40
C LEU B 193 -20.58 -21.71 13.45
N PRO B 194 -20.81 -20.67 14.26
CA PRO B 194 -22.09 -19.95 14.24
C PRO B 194 -22.57 -19.66 12.80
N SER B 195 -23.86 -19.89 12.53
CA SER B 195 -24.44 -19.67 11.18
C SER B 195 -24.27 -18.23 10.69
N THR B 196 -24.17 -17.28 11.60
CA THR B 196 -24.11 -15.84 11.27
C THR B 196 -22.64 -15.37 11.17
N THR B 197 -21.70 -16.15 11.68
CA THR B 197 -20.28 -15.79 11.55
C THR B 197 -19.88 -15.90 10.06
N PRO B 198 -19.32 -14.82 9.47
CA PRO B 198 -18.91 -14.86 8.08
C PRO B 198 -17.86 -15.99 7.99
N LYS B 199 -18.14 -16.95 7.12
CA LYS B 199 -17.21 -18.10 7.03
C LYS B 199 -17.06 -18.63 5.61
N VAL B 200 -15.90 -19.21 5.33
CA VAL B 200 -15.57 -19.82 4.03
C VAL B 200 -14.79 -21.10 4.35
N TYR B 201 -15.03 -22.14 3.58
CA TYR B 201 -14.23 -23.37 3.53
C TYR B 201 -13.78 -23.57 2.09
N VAL B 202 -12.47 -23.68 1.89
CA VAL B 202 -11.87 -24.08 0.60
C VAL B 202 -11.10 -25.35 0.85
N GLU B 203 -11.27 -26.31 -0.05
CA GLU B 203 -10.55 -27.60 0.03
C GLU B 203 -9.68 -27.72 -1.22
N LEU B 204 -8.38 -27.83 -1.01
CA LEU B 204 -7.38 -27.93 -2.08
C LEU B 204 -7.41 -29.36 -2.62
N CYS B 205 -7.63 -29.50 -3.92
CA CYS B 205 -7.68 -30.83 -4.60
C CYS B 205 -6.36 -31.51 -4.34
N ASN B 206 -6.44 -32.76 -3.90
CA ASN B 206 -5.30 -33.71 -3.80
C ASN B 206 -4.22 -33.21 -2.85
N ALA B 207 -4.46 -32.23 -1.99
CA ALA B 207 -3.33 -31.66 -1.23
C ALA B 207 -3.08 -32.50 0.03
N SER B 208 -1.81 -32.58 0.44
CA SER B 208 -1.40 -33.27 1.68
C SER B 208 -1.48 -32.31 2.88
N HIS B 209 -1.35 -32.87 4.08
CA HIS B 209 -1.24 -32.11 5.33
C HIS B 209 -0.12 -31.08 5.30
N ILE B 210 0.93 -31.29 4.52
CA ILE B 210 2.10 -30.37 4.53
C ILE B 210 2.01 -29.35 3.39
N ALA B 211 0.89 -29.24 2.68
CA ALA B 211 0.74 -28.24 1.59
C ALA B 211 1.01 -26.84 2.15
N PRO B 212 0.58 -26.51 3.39
CA PRO B 212 0.85 -25.19 3.95
C PRO B 212 2.31 -24.85 4.25
N ASN B 213 3.22 -25.84 4.23
CA ASN B 213 4.62 -25.63 4.65
C ASN B 213 5.51 -25.24 3.47
N SER B 214 4.95 -25.01 2.28
CA SER B 214 5.72 -24.50 1.14
C SER B 214 4.80 -23.70 0.22
N ASN B 215 5.44 -22.88 -0.60
CA ASN B 215 4.75 -21.96 -1.54
C ASN B 215 3.51 -22.64 -2.15
N ASN B 216 2.38 -21.99 -2.02
CA ASN B 216 1.07 -22.56 -2.42
C ASN B 216 0.20 -21.42 -2.91
N ALA B 217 -0.11 -21.43 -4.19
CA ALA B 217 -0.84 -20.34 -4.87
C ALA B 217 -2.21 -20.16 -4.23
N ALA B 218 -2.94 -21.23 -3.97
CA ALA B 218 -4.31 -21.14 -3.44
C ALA B 218 -4.28 -20.60 -2.02
N ILE B 219 -3.40 -21.14 -1.19
CA ILE B 219 -3.28 -20.68 0.22
C ILE B 219 -2.93 -19.18 0.22
N SER B 220 -2.03 -18.77 -0.68
CA SER B 220 -1.61 -17.36 -0.79
C SER B 220 -2.83 -16.52 -1.17
N VAL B 221 -3.56 -16.91 -2.22
CA VAL B 221 -4.72 -16.09 -2.68
C VAL B 221 -5.77 -15.97 -1.56
N TYR B 222 -6.18 -17.07 -0.96
CA TYR B 222 -7.34 -17.09 -0.02
C TYR B 222 -6.92 -16.43 1.30
N THR B 223 -5.68 -16.66 1.76
CA THR B 223 -5.21 -16.07 3.03
C THR B 223 -5.04 -14.55 2.86
N ILE B 224 -4.30 -14.11 1.83
CA ILE B 224 -4.17 -12.64 1.56
C ILE B 224 -5.57 -12.01 1.47
N SER B 225 -6.47 -12.62 0.69
CA SER B 225 -7.78 -12.01 0.37
C SER B 225 -8.63 -11.91 1.64
N TRP B 226 -8.66 -12.94 2.46
CA TRP B 226 -9.46 -12.91 3.72
C TRP B 226 -8.85 -11.88 4.68
N MET B 227 -7.52 -11.83 4.82
CA MET B 227 -6.84 -10.85 5.70
C MET B 227 -7.11 -9.44 5.16
N LYS B 228 -7.03 -9.24 3.85
CA LYS B 228 -7.29 -7.92 3.27
C LYS B 228 -8.76 -7.51 3.58
N LEU B 229 -9.70 -8.39 3.32
CA LEU B 229 -11.14 -8.00 3.37
C LEU B 229 -11.49 -7.61 4.81
N TRP B 230 -10.96 -8.33 5.80
CA TRP B 230 -11.40 -8.17 7.21
C TRP B 230 -10.43 -7.30 8.03
N VAL B 231 -9.12 -7.45 7.85
CA VAL B 231 -8.16 -6.62 8.62
C VAL B 231 -8.22 -5.18 8.09
N ASP B 232 -8.29 -5.01 6.78
CA ASP B 232 -8.21 -3.70 6.10
C ASP B 232 -9.58 -3.21 5.60
N ASN B 233 -10.66 -3.96 5.80
CA ASN B 233 -12.01 -3.60 5.25
C ASN B 233 -11.90 -3.40 3.72
N ASP B 234 -10.95 -4.08 3.08
CA ASP B 234 -10.59 -3.82 1.67
C ASP B 234 -11.49 -4.65 0.76
N THR B 235 -12.52 -4.03 0.22
CA THR B 235 -13.57 -4.76 -0.55
C THR B 235 -13.02 -5.04 -1.96
N ARG B 236 -11.84 -4.53 -2.34
CA ARG B 236 -11.18 -4.91 -3.61
C ARG B 236 -10.85 -6.42 -3.63
N TYR B 237 -10.83 -7.09 -2.49
CA TYR B 237 -10.46 -8.53 -2.39
C TYR B 237 -11.71 -9.44 -2.36
N ARG B 238 -12.95 -8.90 -2.28
CA ARG B 238 -14.17 -9.74 -2.44
C ARG B 238 -14.10 -10.59 -3.72
N GLN B 239 -13.49 -10.08 -4.77
CA GLN B 239 -13.47 -10.71 -6.11
C GLN B 239 -12.76 -12.07 -6.10
N PHE B 240 -11.90 -12.40 -5.13
CA PHE B 240 -11.27 -13.74 -5.07
C PHE B 240 -12.06 -14.67 -4.15
N LEU B 241 -13.05 -14.13 -3.46
CA LEU B 241 -13.82 -14.82 -2.38
C LEU B 241 -15.30 -14.97 -2.74
N CYS B 242 -15.74 -14.34 -3.83
CA CYS B 242 -17.17 -14.23 -4.23
C CYS B 242 -17.31 -14.72 -5.68
N ASN B 243 -18.36 -15.49 -5.97
CA ASN B 243 -18.52 -16.17 -7.30
C ASN B 243 -17.20 -16.88 -7.61
N VAL B 244 -16.72 -17.72 -6.69
CA VAL B 244 -15.42 -18.40 -6.86
C VAL B 244 -15.54 -19.45 -7.96
N ASN B 245 -14.53 -19.49 -8.82
CA ASN B 245 -14.46 -20.41 -9.97
C ASN B 245 -12.99 -20.84 -10.03
N ASP B 246 -12.62 -21.83 -9.22
CA ASP B 246 -11.20 -22.17 -8.97
C ASP B 246 -11.04 -23.69 -9.06
N PRO B 247 -10.47 -24.19 -10.17
CA PRO B 247 -10.27 -25.63 -10.34
C PRO B 247 -9.22 -26.20 -9.40
N ALA B 248 -8.45 -25.37 -8.67
CA ALA B 248 -7.55 -25.88 -7.61
C ALA B 248 -8.34 -26.42 -6.40
N LEU B 249 -9.65 -26.09 -6.31
CA LEU B 249 -10.53 -26.45 -5.17
C LEU B 249 -11.39 -27.64 -5.52
N CYS B 250 -11.56 -28.54 -4.56
CA CYS B 250 -12.41 -29.75 -4.62
C CYS B 250 -13.62 -29.59 -3.71
N ASP B 251 -13.69 -28.49 -2.95
CA ASP B 251 -14.89 -28.09 -2.18
C ASP B 251 -14.77 -26.59 -1.92
N PHE B 252 -15.91 -25.94 -1.80
CA PHE B 252 -16.08 -24.52 -1.51
C PHE B 252 -17.41 -24.35 -0.82
N ARG B 253 -17.39 -23.90 0.44
CA ARG B 253 -18.62 -23.63 1.22
C ARG B 253 -18.53 -22.21 1.77
N THR B 254 -19.67 -21.54 1.86
CA THR B 254 -19.73 -20.19 2.47
C THR B 254 -21.17 -19.90 2.85
N ASN B 255 -21.34 -19.04 3.83
CA ASN B 255 -22.68 -18.49 4.17
C ASN B 255 -22.81 -17.15 3.45
N ASN B 256 -21.82 -16.77 2.60
CA ASN B 256 -21.83 -15.53 1.77
C ASN B 256 -22.27 -14.35 2.65
N ARG B 257 -21.63 -14.14 3.81
CA ARG B 257 -21.80 -12.92 4.61
C ARG B 257 -20.57 -12.01 4.41
N HIS B 258 -19.72 -12.28 3.43
CA HIS B 258 -18.47 -11.48 3.18
C HIS B 258 -18.53 -10.76 1.84
N CYS B 259 -19.54 -11.01 1.01
CA CYS B 259 -19.59 -10.53 -0.39
C CYS B 259 -20.33 -9.17 -0.51
N GLN B 260 -20.99 -8.69 0.54
CA GLN B 260 -21.70 -7.38 0.56
C GLN B 260 -21.64 -6.79 1.98
#